data_5PNY
#
_entry.id   5PNY
#
_cell.length_a   55.418
_cell.length_b   56.369
_cell.length_c   101.981
_cell.angle_alpha   90.000
_cell.angle_beta   90.000
_cell.angle_gamma   90.000
#
_symmetry.space_group_name_H-M   'P 21 21 21'
#
loop_
_entity.id
_entity.type
_entity.pdbx_description
1 polymer 'Bromodomain-containing protein 1'
2 non-polymer 1,2-ETHANEDIOL
3 non-polymer 'SODIUM ION'
4 non-polymer 5-amino-1-(2-chlorophenyl)-1H-pyrazole-4-carbonitrile
5 water water
#
_entity_poly.entity_id   1
_entity_poly.type   'polypeptide(L)'
_entity_poly.pdbx_seq_one_letter_code
;MHHHHHHSSGVDLGTENLYFQSMEQVAMELRLTELTRLLRSVLDQLQDKDPARIFAQPVSLKEVPDYLDHIKHPMDFATM
RKRLEAQGYKNLHEFEEDFDLIIDNCMKYNARDTVFYRAAVRLRDQGGVVLRQARREVDSIGLEEASGMHLPERPA
;
_entity_poly.pdbx_strand_id   A,B
#
loop_
_chem_comp.id
_chem_comp.type
_chem_comp.name
_chem_comp.formula
8S1 non-polymer 5-amino-1-(2-chlorophenyl)-1H-pyrazole-4-carbonitrile 'C10 H7 Cl N4'
EDO non-polymer 1,2-ETHANEDIOL 'C2 H6 O2'
NA non-polymer 'SODIUM ION' 'Na 1'
#
# COMPACT_ATOMS: atom_id res chain seq x y z
N SER A 22 -20.82 29.54 6.59
CA SER A 22 -21.94 29.24 5.71
C SER A 22 -22.73 28.06 6.23
N MET A 23 -23.97 27.91 5.77
CA MET A 23 -24.76 26.74 6.08
CA MET A 23 -24.74 26.73 6.12
C MET A 23 -24.12 25.50 5.47
N GLU A 24 -23.55 25.68 4.28
CA GLU A 24 -22.96 24.55 3.58
C GLU A 24 -21.78 23.97 4.38
N GLN A 25 -20.94 24.82 4.96
CA GLN A 25 -19.82 24.32 5.74
CA GLN A 25 -19.82 24.39 5.79
C GLN A 25 -20.32 23.56 6.97
N VAL A 26 -21.35 24.08 7.63
CA VAL A 26 -21.97 23.39 8.76
C VAL A 26 -22.53 22.03 8.37
N ALA A 27 -23.16 21.97 7.20
CA ALA A 27 -23.75 20.72 6.74
C ALA A 27 -22.66 19.68 6.50
N MET A 28 -21.55 20.12 5.90
CA MET A 28 -20.40 19.25 5.66
CA MET A 28 -20.47 19.17 5.66
C MET A 28 -19.82 18.75 6.98
N GLU A 29 -19.78 19.65 7.95
CA GLU A 29 -19.27 19.29 9.26
C GLU A 29 -20.17 18.28 9.98
N LEU A 30 -21.48 18.41 9.79
CA LEU A 30 -22.42 17.44 10.36
C LEU A 30 -22.20 16.06 9.74
N ARG A 31 -21.99 16.03 8.44
CA ARG A 31 -21.74 14.79 7.71
C ARG A 31 -20.47 14.14 8.25
N LEU A 32 -19.41 14.93 8.41
CA LEU A 32 -18.14 14.41 8.94
C LEU A 32 -18.31 13.87 10.36
N THR A 33 -19.07 14.59 11.17
CA THR A 33 -19.35 14.15 12.53
C THR A 33 -20.12 12.82 12.54
N GLU A 34 -21.04 12.63 11.60
CA GLU A 34 -21.77 11.39 11.56
C GLU A 34 -20.88 10.25 11.06
N LEU A 35 -20.04 10.54 10.08
CA LEU A 35 -19.06 9.55 9.62
C LEU A 35 -18.19 9.11 10.78
N THR A 36 -17.74 10.07 11.58
CA THR A 36 -16.90 9.79 12.74
C THR A 36 -17.62 8.89 13.73
N ARG A 37 -18.91 9.11 13.92
CA ARG A 37 -19.71 8.25 14.79
C ARG A 37 -19.75 6.81 14.27
N LEU A 38 -19.95 6.65 12.97
CA LEU A 38 -20.04 5.32 12.38
C LEU A 38 -18.67 4.63 12.45
N LEU A 39 -17.60 5.37 12.14
CA LEU A 39 -16.24 4.81 12.18
C LEU A 39 -15.82 4.45 13.61
N ARG A 40 -16.34 5.16 14.61
CA ARG A 40 -16.04 4.79 15.98
C ARG A 40 -16.65 3.43 16.30
N SER A 41 -17.85 3.20 15.79
CA SER A 41 -18.50 1.89 15.96
C SER A 41 -17.74 0.79 15.22
N VAL A 42 -17.34 1.08 13.99
CA VAL A 42 -16.50 0.15 13.22
C VAL A 42 -15.20 -0.15 13.95
N LEU A 43 -14.54 0.89 14.46
CA LEU A 43 -13.26 0.71 15.15
C LEU A 43 -13.42 -0.19 16.37
N ASP A 44 -14.49 0.00 17.12
CA ASP A 44 -14.73 -0.80 18.31
C ASP A 44 -14.95 -2.26 17.93
N GLN A 45 -15.71 -2.50 16.88
CA GLN A 45 -15.97 -3.84 16.40
C GLN A 45 -14.68 -4.51 15.92
N LEU A 46 -13.83 -3.76 15.22
CA LEU A 46 -12.59 -4.35 14.71
C LEU A 46 -11.66 -4.69 15.86
N GLN A 47 -11.59 -3.80 16.85
CA GLN A 47 -10.67 -4.02 17.96
C GLN A 47 -11.10 -5.22 18.83
N ASP A 48 -12.40 -5.51 18.88
CA ASP A 48 -12.89 -6.69 19.59
C ASP A 48 -12.35 -7.99 18.98
N LYS A 49 -11.96 -7.93 17.71
CA LYS A 49 -11.44 -9.09 17.03
C LYS A 49 -9.93 -9.24 17.29
N ASP A 50 -9.41 -8.41 18.19
CA ASP A 50 -8.03 -8.51 18.68
C ASP A 50 -8.05 -8.65 20.19
N PRO A 51 -8.58 -9.77 20.68
CA PRO A 51 -8.75 -9.84 22.14
C PRO A 51 -7.42 -9.93 22.89
N ALA A 52 -6.36 -10.30 22.20
CA ALA A 52 -5.03 -10.34 22.81
C ALA A 52 -4.39 -8.95 22.96
N ARG A 53 -5.00 -7.94 22.32
CA ARG A 53 -4.50 -6.56 22.32
C ARG A 53 -3.08 -6.42 21.72
N ILE A 54 -2.79 -7.31 20.78
CA ILE A 54 -1.53 -7.25 20.07
C ILE A 54 -1.38 -5.97 19.26
N PHE A 55 -2.50 -5.41 18.80
CA PHE A 55 -2.47 -4.23 17.91
C PHE A 55 -2.98 -2.96 18.58
N ALA A 56 -3.13 -3.02 19.90
CA ALA A 56 -3.71 -1.93 20.65
C ALA A 56 -2.87 -0.69 20.71
N GLN A 57 -1.54 -0.84 20.71
CA GLN A 57 -0.63 0.28 20.91
C GLN A 57 0.50 0.27 19.85
N PRO A 58 1.19 1.40 19.66
CA PRO A 58 2.34 1.41 18.73
C PRO A 58 3.41 0.42 19.15
N VAL A 59 4.07 -0.22 18.19
CA VAL A 59 5.26 -1.01 18.50
C VAL A 59 6.28 -0.09 19.18
N SER A 60 6.78 -0.55 20.33
CA SER A 60 7.74 0.21 21.12
C SER A 60 9.15 0.23 20.50
N LEU A 61 9.68 1.42 20.27
CA LEU A 61 10.99 1.56 19.65
C LEU A 61 12.05 1.37 20.69
N LYS A 62 11.64 1.39 21.95
CA LYS A 62 12.55 1.00 23.02
C LYS A 62 12.76 -0.52 22.97
N GLU A 63 11.68 -1.26 22.77
CA GLU A 63 11.74 -2.71 22.78
C GLU A 63 11.99 -3.38 21.41
N VAL A 64 11.75 -2.65 20.33
CA VAL A 64 12.12 -3.12 18.99
C VAL A 64 12.85 -1.96 18.30
N PRO A 65 14.13 -1.75 18.66
CA PRO A 65 14.76 -0.51 18.22
C PRO A 65 14.99 -0.41 16.70
N ASP A 66 14.99 -1.53 15.98
CA ASP A 66 15.21 -1.49 14.53
C ASP A 66 13.90 -1.40 13.74
N TYR A 67 12.77 -1.22 14.43
CA TYR A 67 11.48 -1.39 13.75
C TYR A 67 11.32 -0.46 12.52
N LEU A 68 11.79 0.78 12.60
CA LEU A 68 11.53 1.75 11.54
C LEU A 68 12.45 1.49 10.35
N ASP A 69 13.46 0.65 10.53
CA ASP A 69 14.26 0.18 9.39
C ASP A 69 13.43 -0.77 8.53
N HIS A 70 12.45 -1.43 9.15
CA HIS A 70 11.64 -2.43 8.48
C HIS A 70 10.32 -1.85 7.98
N ILE A 71 9.66 -1.10 8.85
CA ILE A 71 8.29 -0.65 8.63
C ILE A 71 8.30 0.86 8.51
N LYS A 72 7.92 1.35 7.34
CA LYS A 72 8.03 2.79 7.10
C LYS A 72 6.81 3.59 7.58
N HIS A 73 5.66 2.94 7.74
CA HIS A 73 4.49 3.63 8.24
CA HIS A 73 4.48 3.63 8.24
C HIS A 73 3.80 2.79 9.31
N PRO A 74 4.30 2.88 10.55
CA PRO A 74 3.70 2.14 11.66
C PRO A 74 2.25 2.55 11.89
N MET A 75 1.44 1.62 12.38
CA MET A 75 0.07 1.95 12.72
C MET A 75 -0.43 1.00 13.82
N ASP A 76 -1.43 1.46 14.56
CA ASP A 76 -2.01 0.68 15.65
C ASP A 76 -3.38 1.26 16.00
N PHE A 77 -4.15 0.58 16.86
CA PHE A 77 -5.51 1.03 17.12
C PHE A 77 -5.54 2.34 17.92
N ALA A 78 -4.60 2.54 18.84
CA ALA A 78 -4.58 3.78 19.62
C ALA A 78 -4.33 5.00 18.72
N THR A 79 -3.42 4.84 17.76
CA THR A 79 -3.11 5.91 16.84
C THR A 79 -4.32 6.19 15.92
N MET A 80 -5.02 5.14 15.47
CA MET A 80 -6.25 5.35 14.71
C MET A 80 -7.29 6.09 15.53
N ARG A 81 -7.40 5.74 16.81
CA ARG A 81 -8.43 6.36 17.65
C ARG A 81 -8.15 7.85 17.83
N LYS A 82 -6.88 8.21 17.98
CA LYS A 82 -6.50 9.62 18.07
C LYS A 82 -6.89 10.39 16.81
N ARG A 83 -6.62 9.82 15.64
CA ARG A 83 -6.98 10.48 14.40
C ARG A 83 -8.50 10.58 14.26
N LEU A 84 -9.20 9.52 14.66
CA LEU A 84 -10.65 9.47 14.58
C LEU A 84 -11.33 10.54 15.43
N GLU A 85 -10.89 10.67 16.67
CA GLU A 85 -11.51 11.64 17.57
C GLU A 85 -11.19 13.08 17.21
N ALA A 86 -10.18 13.27 16.36
CA ALA A 86 -9.90 14.58 15.78
C ALA A 86 -10.63 14.76 14.44
N GLN A 87 -11.58 13.88 14.16
CA GLN A 87 -12.28 13.83 12.88
C GLN A 87 -11.32 13.86 11.68
N GLY A 88 -10.24 13.08 11.75
CA GLY A 88 -9.21 13.10 10.74
C GLY A 88 -9.37 12.09 9.61
N TYR A 89 -10.46 11.32 9.64
CA TYR A 89 -10.80 10.43 8.52
C TYR A 89 -11.93 11.06 7.71
N LYS A 90 -11.64 11.44 6.47
CA LYS A 90 -12.63 12.13 5.64
C LYS A 90 -13.60 11.17 4.96
N ASN A 91 -13.15 9.93 4.77
CA ASN A 91 -13.98 8.89 4.14
C ASN A 91 -13.57 7.54 4.69
N LEU A 92 -14.32 6.49 4.33
CA LEU A 92 -14.04 5.14 4.83
C LEU A 92 -12.74 4.61 4.25
N HIS A 93 -12.41 4.97 3.02
CA HIS A 93 -11.17 4.50 2.39
C HIS A 93 -9.95 4.85 3.23
N GLU A 94 -9.91 6.08 3.75
CA GLU A 94 -8.77 6.52 4.54
C GLU A 94 -8.63 5.69 5.82
N PHE A 95 -9.78 5.37 6.43
CA PHE A 95 -9.84 4.56 7.65
C PHE A 95 -9.37 3.14 7.33
N GLU A 96 -9.86 2.58 6.23
CA GLU A 96 -9.42 1.24 5.83
CA GLU A 96 -9.43 1.25 5.82
C GLU A 96 -7.94 1.16 5.52
N GLU A 97 -7.39 2.23 4.94
N GLU A 97 -7.33 2.21 4.97
CA GLU A 97 -5.95 2.30 4.67
CA GLU A 97 -5.91 2.11 4.65
C GLU A 97 -5.16 2.05 5.95
C GLU A 97 -5.06 2.12 5.94
N ASP A 98 -5.57 2.73 7.02
CA ASP A 98 -4.87 2.62 8.31
C ASP A 98 -5.05 1.22 8.91
N PHE A 99 -6.26 0.68 8.82
CA PHE A 99 -6.47 -0.69 9.33
C PHE A 99 -5.60 -1.70 8.58
N ASP A 100 -5.52 -1.56 7.26
CA ASP A 100 -4.70 -2.47 6.44
C ASP A 100 -3.22 -2.33 6.81
N LEU A 101 -2.77 -1.13 7.17
CA LEU A 101 -1.38 -0.97 7.63
C LEU A 101 -1.09 -1.80 8.88
N ILE A 102 -2.03 -1.82 9.82
CA ILE A 102 -1.83 -2.60 11.05
C ILE A 102 -1.54 -4.06 10.66
N ILE A 103 -2.38 -4.60 9.80
CA ILE A 103 -2.28 -5.99 9.34
CA ILE A 103 -2.25 -6.00 9.41
C ILE A 103 -1.02 -6.24 8.52
N ASP A 104 -0.84 -5.39 7.51
CA ASP A 104 0.22 -5.62 6.56
C ASP A 104 1.60 -5.43 7.19
N ASN A 105 1.75 -4.47 8.11
CA ASN A 105 3.02 -4.26 8.77
C ASN A 105 3.41 -5.51 9.56
N CYS A 106 2.42 -6.04 10.28
CA CYS A 106 2.65 -7.19 11.13
C CYS A 106 3.06 -8.42 10.32
N MET A 107 2.41 -8.61 9.17
CA MET A 107 2.65 -9.81 8.36
CA MET A 107 2.67 -9.82 8.41
C MET A 107 3.97 -9.73 7.62
N LYS A 108 4.57 -8.54 7.57
CA LYS A 108 5.91 -8.44 7.00
CA LYS A 108 5.92 -8.32 7.03
C LYS A 108 6.97 -8.59 8.09
N TYR A 109 6.83 -7.92 9.23
CA TYR A 109 7.85 -7.98 10.26
C TYR A 109 7.96 -9.35 10.92
N ASN A 110 6.81 -10.00 11.08
CA ASN A 110 6.75 -11.27 11.80
C ASN A 110 6.61 -12.42 10.85
N ALA A 111 7.23 -13.56 11.17
CA ALA A 111 7.14 -14.73 10.31
C ALA A 111 5.82 -15.47 10.50
N ARG A 112 5.48 -16.36 9.57
CA ARG A 112 4.20 -17.08 9.61
C ARG A 112 3.96 -17.90 10.87
N ASP A 113 5.04 -18.40 11.47
CA ASP A 113 4.86 -19.30 12.61
C ASP A 113 4.87 -18.55 13.95
N THR A 114 4.42 -17.30 13.95
CA THR A 114 4.41 -16.52 15.19
C THR A 114 3.00 -16.18 15.59
N VAL A 115 2.80 -15.96 16.89
CA VAL A 115 1.49 -15.57 17.40
C VAL A 115 1.06 -14.20 16.81
N PHE A 116 2.04 -13.34 16.50
CA PHE A 116 1.76 -12.03 15.95
C PHE A 116 1.17 -12.14 14.55
N TYR A 117 1.87 -12.82 13.66
CA TYR A 117 1.38 -13.00 12.28
C TYR A 117 -0.01 -13.64 12.28
N ARG A 118 -0.17 -14.70 13.08
CA ARG A 118 -1.43 -15.41 13.10
C ARG A 118 -2.56 -14.53 13.63
N ALA A 119 -2.27 -13.64 14.59
CA ALA A 119 -3.28 -12.70 15.10
C ALA A 119 -3.68 -11.74 13.98
N ALA A 120 -2.73 -11.33 13.16
CA ALA A 120 -3.05 -10.42 12.06
C ALA A 120 -3.94 -11.10 11.00
N VAL A 121 -3.65 -12.36 10.67
CA VAL A 121 -4.50 -13.09 9.74
C VAL A 121 -5.95 -13.16 10.25
N ARG A 122 -6.11 -13.47 11.54
CA ARG A 122 -7.42 -13.62 12.12
C ARG A 122 -8.16 -12.29 12.15
N LEU A 123 -7.44 -11.22 12.47
CA LEU A 123 -8.02 -9.87 12.47
C LEU A 123 -8.47 -9.44 11.07
N ARG A 124 -7.64 -9.70 10.08
CA ARG A 124 -7.98 -9.44 8.68
CA ARG A 124 -8.03 -9.38 8.70
C ARG A 124 -9.27 -10.16 8.27
N ASP A 125 -9.31 -11.44 8.59
CA ASP A 125 -10.41 -12.29 8.15
C ASP A 125 -11.71 -11.86 8.81
N GLN A 126 -11.67 -11.69 10.12
CA GLN A 126 -12.87 -11.30 10.88
C GLN A 126 -13.27 -9.86 10.62
N GLY A 127 -12.30 -8.99 10.36
CA GLY A 127 -12.57 -7.59 10.14
C GLY A 127 -13.20 -7.31 8.78
N GLY A 128 -12.88 -8.15 7.79
CA GLY A 128 -13.44 -8.02 6.45
C GLY A 128 -14.96 -8.02 6.46
N VAL A 129 -15.53 -8.83 7.34
CA VAL A 129 -16.97 -8.93 7.49
C VAL A 129 -17.59 -7.58 7.91
N VAL A 130 -16.98 -6.99 8.93
CA VAL A 130 -17.38 -5.70 9.49
C VAL A 130 -17.27 -4.59 8.45
N LEU A 131 -16.13 -4.56 7.75
CA LEU A 131 -15.88 -3.53 6.76
C LEU A 131 -16.79 -3.66 5.55
N ARG A 132 -17.16 -4.90 5.22
CA ARG A 132 -18.08 -5.12 4.12
C ARG A 132 -19.42 -4.41 4.34
N GLN A 133 -19.93 -4.48 5.57
CA GLN A 133 -21.21 -3.86 5.86
C GLN A 133 -21.04 -2.36 6.07
N ALA A 134 -19.90 -1.96 6.64
CA ALA A 134 -19.62 -0.55 6.85
C ALA A 134 -19.64 0.21 5.52
N ARG A 135 -19.11 -0.41 4.49
CA ARG A 135 -19.11 0.20 3.16
C ARG A 135 -20.53 0.41 2.68
N ARG A 136 -21.39 -0.59 2.89
CA ARG A 136 -22.77 -0.46 2.46
C ARG A 136 -23.47 0.68 3.22
N GLU A 137 -23.19 0.83 4.52
CA GLU A 137 -23.83 1.84 5.34
C GLU A 137 -23.40 3.26 4.98
N VAL A 138 -22.11 3.42 4.71
CA VAL A 138 -21.58 4.72 4.30
C VAL A 138 -22.21 5.16 2.98
N ASP A 139 -22.25 4.25 2.02
CA ASP A 139 -22.93 4.50 0.74
C ASP A 139 -24.42 4.77 0.92
N SER A 140 -25.09 3.89 1.67
CA SER A 140 -26.53 4.00 1.86
C SER A 140 -26.93 5.33 2.48
N ILE A 141 -26.42 5.60 3.68
CA ILE A 141 -26.80 6.81 4.40
C ILE A 141 -26.16 8.07 3.77
N GLY A 142 -25.10 7.87 2.98
CA GLY A 142 -24.49 8.94 2.20
C GLY A 142 -23.54 9.84 2.98
N LEU A 143 -22.54 9.24 3.62
CA LEU A 143 -21.75 9.94 4.63
C LEU A 143 -20.43 10.55 4.15
N GLU A 144 -20.16 10.53 2.86
CA GLU A 144 -18.88 11.08 2.37
C GLU A 144 -18.98 11.72 0.99
N SER B 22 -6.31 17.17 -34.06
CA SER B 22 -6.38 18.37 -33.24
C SER B 22 -5.14 18.48 -32.39
N MET B 23 -4.84 19.68 -31.91
CA MET B 23 -3.65 19.82 -31.07
C MET B 23 -3.83 19.20 -29.69
N GLU B 24 -5.08 19.04 -29.26
CA GLU B 24 -5.35 18.30 -28.03
C GLU B 24 -4.95 16.82 -28.16
N GLN B 25 -5.22 16.23 -29.32
CA GLN B 25 -4.77 14.85 -29.59
C GLN B 25 -3.25 14.74 -29.63
N VAL B 26 -2.62 15.71 -30.26
CA VAL B 26 -1.19 15.76 -30.30
C VAL B 26 -0.61 15.82 -28.88
N ALA B 27 -1.15 16.69 -28.05
CA ALA B 27 -0.65 16.80 -26.68
C ALA B 27 -0.83 15.51 -25.88
N MET B 28 -1.97 14.84 -26.04
CA MET B 28 -2.21 13.58 -25.32
CA MET B 28 -2.19 13.59 -25.30
C MET B 28 -1.24 12.49 -25.75
N GLU B 29 -1.01 12.39 -27.05
N GLU B 29 -0.99 12.41 -27.05
N GLU B 29 -0.99 12.41 -27.05
CA GLU B 29 -0.07 11.38 -27.53
CA GLU B 29 -0.06 11.41 -27.56
CA GLU B 29 -0.06 11.41 -27.55
C GLU B 29 1.34 11.69 -27.06
C GLU B 29 1.35 11.70 -27.07
C GLU B 29 1.36 11.69 -27.08
N LEU B 30 1.73 12.97 -27.01
CA LEU B 30 3.05 13.35 -26.46
C LEU B 30 3.16 12.98 -24.97
N ARG B 31 2.10 13.23 -24.20
CA ARG B 31 2.14 12.86 -22.77
C ARG B 31 2.26 11.33 -22.62
N LEU B 32 1.56 10.58 -23.48
CA LEU B 32 1.69 9.13 -23.47
C LEU B 32 3.10 8.66 -23.76
N THR B 33 3.71 9.21 -24.81
CA THR B 33 5.03 8.72 -25.18
C THR B 33 6.11 9.14 -24.19
N GLU B 34 5.94 10.31 -23.59
CA GLU B 34 6.92 10.76 -22.62
C GLU B 34 6.79 10.02 -21.30
N LEU B 35 5.56 9.72 -20.87
CA LEU B 35 5.38 8.86 -19.69
C LEU B 35 6.02 7.49 -19.92
N THR B 36 5.81 6.93 -21.11
CA THR B 36 6.34 5.61 -21.38
C THR B 36 7.87 5.66 -21.36
N ARG B 37 8.47 6.69 -21.95
CA ARG B 37 9.91 6.86 -21.93
CA ARG B 37 9.91 6.87 -21.93
C ARG B 37 10.44 6.89 -20.49
N LEU B 38 9.78 7.67 -19.66
CA LEU B 38 10.18 7.79 -18.26
C LEU B 38 10.06 6.46 -17.52
N LEU B 39 8.91 5.79 -17.66
CA LEU B 39 8.72 4.52 -16.95
C LEU B 39 9.68 3.44 -17.44
N ARG B 40 10.03 3.45 -18.72
CA ARG B 40 11.02 2.53 -19.27
C ARG B 40 12.35 2.73 -18.57
N SER B 41 12.72 3.99 -18.39
CA SER B 41 13.97 4.32 -17.74
C SER B 41 13.95 3.91 -16.26
N VAL B 42 12.83 4.17 -15.59
CA VAL B 42 12.70 3.80 -14.19
C VAL B 42 12.80 2.28 -14.06
N LEU B 43 12.07 1.55 -14.89
CA LEU B 43 12.11 0.10 -14.78
C LEU B 43 13.54 -0.45 -15.05
N ASP B 44 14.24 0.10 -16.02
N ASP B 44 14.23 0.12 -16.02
CA ASP B 44 15.60 -0.36 -16.30
CA ASP B 44 15.59 -0.30 -16.33
C ASP B 44 16.51 -0.07 -15.11
C ASP B 44 16.52 -0.06 -15.13
N GLN B 45 16.36 1.10 -14.51
CA GLN B 45 17.13 1.46 -13.28
C GLN B 45 16.85 0.48 -12.14
N LEU B 46 15.58 0.12 -11.94
CA LEU B 46 15.25 -0.79 -10.86
C LEU B 46 15.83 -2.19 -11.12
N GLN B 47 15.65 -2.72 -12.32
CA GLN B 47 16.20 -4.04 -12.63
C GLN B 47 17.71 -4.11 -12.56
N ASP B 48 18.40 -3.04 -12.97
CA ASP B 48 19.85 -3.03 -12.91
CA ASP B 48 19.85 -2.97 -12.90
C ASP B 48 20.36 -3.20 -11.47
N LYS B 49 19.50 -2.93 -10.50
CA LYS B 49 19.86 -3.07 -9.07
C LYS B 49 19.59 -4.45 -8.55
N ASP B 50 19.11 -5.34 -9.44
CA ASP B 50 18.81 -6.72 -9.06
C ASP B 50 19.57 -7.72 -9.93
N PRO B 51 20.92 -7.70 -9.84
CA PRO B 51 21.69 -8.62 -10.69
C PRO B 51 21.51 -10.10 -10.36
N ALA B 52 21.06 -10.41 -9.15
CA ALA B 52 20.75 -11.79 -8.78
C ALA B 52 19.44 -12.26 -9.38
N ARG B 53 18.72 -11.34 -10.04
CA ARG B 53 17.45 -11.63 -10.70
CA ARG B 53 17.46 -11.65 -10.71
C ARG B 53 16.42 -12.25 -9.76
N ILE B 54 16.46 -11.84 -8.49
CA ILE B 54 15.48 -12.30 -7.50
C ILE B 54 14.04 -11.89 -7.88
N PHE B 55 13.91 -10.71 -8.48
CA PHE B 55 12.60 -10.15 -8.80
C PHE B 55 12.32 -10.11 -10.29
N ALA B 56 13.13 -10.81 -11.07
CA ALA B 56 13.07 -10.69 -12.53
C ALA B 56 11.86 -11.36 -13.16
N GLN B 57 11.43 -12.47 -12.59
CA GLN B 57 10.41 -13.33 -13.17
C GLN B 57 9.42 -13.75 -12.11
N PRO B 58 8.22 -14.19 -12.52
CA PRO B 58 7.26 -14.70 -11.53
C PRO B 58 7.85 -15.82 -10.68
N VAL B 59 7.50 -15.85 -9.39
CA VAL B 59 7.94 -16.94 -8.52
C VAL B 59 7.40 -18.25 -9.09
N SER B 60 8.25 -19.27 -9.13
CA SER B 60 7.87 -20.58 -9.66
C SER B 60 7.09 -21.40 -8.64
N LEU B 61 5.88 -21.81 -9.02
CA LEU B 61 5.04 -22.63 -8.17
C LEU B 61 5.66 -24.03 -8.00
N LYS B 62 6.47 -24.44 -8.97
CA LYS B 62 7.20 -25.71 -8.86
C LYS B 62 8.26 -25.62 -7.77
N GLU B 63 9.01 -24.52 -7.74
CA GLU B 63 10.04 -24.32 -6.72
C GLU B 63 9.44 -23.90 -5.38
N VAL B 64 8.30 -23.21 -5.41
CA VAL B 64 7.68 -22.68 -4.19
C VAL B 64 6.19 -23.02 -4.18
N PRO B 65 5.86 -24.29 -3.88
CA PRO B 65 4.48 -24.78 -4.00
C PRO B 65 3.44 -24.05 -3.15
N ASP B 66 3.85 -23.45 -2.03
CA ASP B 66 2.89 -22.81 -1.16
C ASP B 66 2.78 -21.30 -1.37
N TYR B 67 3.40 -20.78 -2.43
CA TYR B 67 3.45 -19.33 -2.62
C TYR B 67 2.07 -18.67 -2.63
N LEU B 68 1.13 -19.24 -3.39
CA LEU B 68 -0.20 -18.65 -3.51
C LEU B 68 -1.10 -18.96 -2.32
N ASP B 69 -0.64 -19.78 -1.38
CA ASP B 69 -1.38 -19.89 -0.11
C ASP B 69 -1.31 -18.56 0.62
N HIS B 70 -0.24 -17.80 0.39
CA HIS B 70 0.03 -16.60 1.16
C HIS B 70 0.01 -15.31 0.37
N ILE B 71 0.38 -15.38 -0.90
CA ILE B 71 0.48 -14.16 -1.71
C ILE B 71 -0.68 -14.12 -2.69
N LYS B 72 -1.55 -13.13 -2.53
CA LYS B 72 -2.76 -13.01 -3.35
C LYS B 72 -2.52 -12.40 -4.74
N HIS B 73 -1.56 -11.48 -4.84
CA HIS B 73 -1.28 -10.87 -6.15
C HIS B 73 0.21 -10.84 -6.46
N PRO B 74 0.71 -11.93 -7.04
CA PRO B 74 2.12 -11.98 -7.44
C PRO B 74 2.53 -10.86 -8.40
N MET B 75 3.76 -10.40 -8.28
CA MET B 75 4.26 -9.42 -9.22
C MET B 75 5.78 -9.58 -9.37
N ASP B 76 6.31 -9.14 -10.51
CA ASP B 76 7.72 -9.28 -10.86
C ASP B 76 8.05 -8.30 -11.98
N PHE B 77 9.34 -8.11 -12.25
CA PHE B 77 9.75 -7.08 -13.23
C PHE B 77 9.34 -7.43 -14.65
N ALA B 78 9.35 -8.72 -15.01
CA ALA B 78 8.93 -9.10 -16.39
C ALA B 78 7.46 -8.77 -16.63
N THR B 79 6.62 -9.03 -15.63
CA THR B 79 5.20 -8.75 -15.72
C THR B 79 4.98 -7.23 -15.78
N MET B 80 5.78 -6.46 -15.04
CA MET B 80 5.69 -5.01 -15.17
C MET B 80 6.11 -4.54 -16.57
N ARG B 81 7.17 -5.13 -17.13
CA ARG B 81 7.62 -4.72 -18.46
C ARG B 81 6.53 -4.99 -19.52
N LYS B 82 5.89 -6.15 -19.39
CA LYS B 82 4.79 -6.54 -20.29
C LYS B 82 3.68 -5.49 -20.24
N ARG B 83 3.32 -5.07 -19.03
CA ARG B 83 2.24 -4.10 -18.84
C ARG B 83 2.67 -2.74 -19.42
N LEU B 84 3.92 -2.34 -19.16
CA LEU B 84 4.45 -1.08 -19.67
C LEU B 84 4.40 -1.02 -21.20
N GLU B 85 4.94 -2.05 -21.84
CA GLU B 85 5.10 -1.99 -23.29
C GLU B 85 3.79 -2.17 -23.99
N ALA B 86 2.80 -2.72 -23.30
CA ALA B 86 1.44 -2.85 -23.85
C ALA B 86 0.56 -1.63 -23.59
N GLN B 87 1.15 -0.55 -23.13
CA GLN B 87 0.44 0.69 -22.79
C GLN B 87 -0.56 0.55 -21.63
N GLY B 88 -0.23 -0.31 -20.66
CA GLY B 88 -1.12 -0.55 -19.52
C GLY B 88 -0.88 0.29 -18.28
N TYR B 89 0.12 1.18 -18.32
CA TYR B 89 0.29 2.15 -17.22
C TYR B 89 -0.16 3.53 -17.67
N LYS B 90 -1.22 4.02 -17.02
CA LYS B 90 -1.83 5.32 -17.33
C LYS B 90 -1.12 6.48 -16.64
N ASN B 91 -0.46 6.19 -15.51
CA ASN B 91 0.23 7.21 -14.73
C ASN B 91 1.31 6.57 -13.87
N LEU B 92 2.14 7.38 -13.24
CA LEU B 92 3.25 6.87 -12.43
C LEU B 92 2.74 6.10 -11.23
N HIS B 93 1.63 6.54 -10.65
CA HIS B 93 1.13 5.87 -9.47
C HIS B 93 0.81 4.39 -9.73
N GLU B 94 0.21 4.07 -10.87
CA GLU B 94 -0.09 2.67 -11.23
C GLU B 94 1.19 1.82 -11.28
N PHE B 95 2.26 2.40 -11.81
CA PHE B 95 3.58 1.75 -11.88
C PHE B 95 4.11 1.55 -10.45
N GLU B 96 4.04 2.60 -9.64
CA GLU B 96 4.44 2.52 -8.23
CA GLU B 96 4.47 2.52 -8.24
C GLU B 96 3.74 1.40 -7.49
N GLU B 97 2.43 1.26 -7.71
CA GLU B 97 1.68 0.20 -7.03
C GLU B 97 2.19 -1.19 -7.37
N ASP B 98 2.57 -1.43 -8.62
CA ASP B 98 3.10 -2.75 -8.99
C ASP B 98 4.50 -2.96 -8.36
N PHE B 99 5.33 -1.91 -8.30
CA PHE B 99 6.65 -2.05 -7.67
C PHE B 99 6.45 -2.36 -6.18
N ASP B 100 5.52 -1.66 -5.54
CA ASP B 100 5.25 -1.95 -4.12
C ASP B 100 4.79 -3.39 -3.91
N LEU B 101 4.05 -3.98 -4.87
CA LEU B 101 3.63 -5.37 -4.75
C LEU B 101 4.84 -6.27 -4.72
N ILE B 102 5.79 -6.01 -5.62
CA ILE B 102 7.01 -6.83 -5.65
C ILE B 102 7.68 -6.85 -4.26
N ILE B 103 7.86 -5.65 -3.70
CA ILE B 103 8.54 -5.50 -2.41
C ILE B 103 7.70 -6.10 -1.26
N ASP B 104 6.42 -5.76 -1.23
CA ASP B 104 5.56 -6.17 -0.12
C ASP B 104 5.37 -7.67 -0.13
N ASN B 105 5.19 -8.27 -1.30
CA ASN B 105 5.03 -9.73 -1.36
C ASN B 105 6.26 -10.43 -0.82
N CYS B 106 7.43 -9.93 -1.18
CA CYS B 106 8.68 -10.54 -0.74
C CYS B 106 8.86 -10.40 0.77
N MET B 107 8.53 -9.22 1.30
CA MET B 107 8.68 -9.03 2.74
C MET B 107 7.64 -9.80 3.54
N LYS B 108 6.47 -10.05 2.95
CA LYS B 108 5.44 -10.87 3.60
CA LYS B 108 5.45 -10.89 3.59
C LYS B 108 5.80 -12.36 3.56
N TYR B 109 6.29 -12.84 2.40
CA TYR B 109 6.54 -14.28 2.25
C TYR B 109 7.80 -14.74 2.98
N ASN B 110 8.83 -13.90 2.98
CA ASN B 110 10.11 -14.27 3.59
C ASN B 110 10.28 -13.73 5.00
N ALA B 111 10.92 -14.52 5.88
CA ALA B 111 11.22 -14.04 7.22
C ALA B 111 12.23 -12.90 7.20
N ARG B 112 12.20 -12.02 8.20
CA ARG B 112 13.01 -10.81 8.12
C ARG B 112 14.52 -11.09 8.15
N ASP B 113 14.94 -12.14 8.84
CA ASP B 113 16.36 -12.45 8.89
C ASP B 113 16.71 -13.42 7.76
N THR B 114 16.48 -13.00 6.52
CA THR B 114 16.82 -13.80 5.33
C THR B 114 17.39 -12.91 4.23
N VAL B 115 18.12 -13.52 3.31
CA VAL B 115 18.73 -12.80 2.20
C VAL B 115 17.68 -12.17 1.28
N PHE B 116 16.61 -12.90 0.96
CA PHE B 116 15.59 -12.33 0.06
C PHE B 116 14.81 -11.18 0.73
N TYR B 117 14.49 -11.30 2.01
CA TYR B 117 13.82 -10.17 2.67
C TYR B 117 14.73 -8.96 2.68
N ARG B 118 16.02 -9.14 3.00
CA ARG B 118 16.92 -8.01 2.99
C ARG B 118 17.09 -7.43 1.57
N ALA B 119 17.03 -8.27 0.53
CA ALA B 119 17.10 -7.75 -0.83
C ALA B 119 15.90 -6.84 -1.12
N ALA B 120 14.73 -7.23 -0.63
CA ALA B 120 13.53 -6.40 -0.83
C ALA B 120 13.66 -5.06 -0.10
N VAL B 121 14.18 -5.10 1.13
CA VAL B 121 14.40 -3.84 1.86
C VAL B 121 15.39 -2.92 1.12
N ARG B 122 16.47 -3.52 0.60
CA ARG B 122 17.46 -2.78 -0.18
C ARG B 122 16.84 -2.14 -1.42
N LEU B 123 16.12 -2.95 -2.20
CA LEU B 123 15.48 -2.47 -3.41
C LEU B 123 14.38 -1.43 -3.12
N ARG B 124 13.67 -1.61 -2.00
CA ARG B 124 12.66 -0.63 -1.59
C ARG B 124 13.29 0.74 -1.37
N ASP B 125 14.43 0.79 -0.65
N ASP B 125 14.44 0.78 -0.72
CA ASP B 125 15.18 2.05 -0.42
CA ASP B 125 15.03 2.06 -0.37
C ASP B 125 15.57 2.69 -1.72
C ASP B 125 15.77 2.71 -1.57
N GLN B 126 16.29 1.91 -2.51
CA GLN B 126 16.86 2.42 -3.74
C GLN B 126 15.73 2.84 -4.69
N GLY B 127 14.69 2.01 -4.78
CA GLY B 127 13.58 2.29 -5.67
C GLY B 127 12.79 3.49 -5.24
N GLY B 128 12.65 3.68 -3.93
CA GLY B 128 11.97 4.85 -3.40
C GLY B 128 12.60 6.12 -3.91
N VAL B 129 13.93 6.16 -3.94
CA VAL B 129 14.63 7.36 -4.41
C VAL B 129 14.39 7.56 -5.90
N VAL B 130 14.46 6.48 -6.68
CA VAL B 130 14.26 6.56 -8.12
C VAL B 130 12.84 7.05 -8.39
N LEU B 131 11.86 6.54 -7.67
CA LEU B 131 10.47 6.88 -7.91
C LEU B 131 10.15 8.31 -7.47
N ARG B 132 10.79 8.77 -6.40
CA ARG B 132 10.61 10.19 -6.02
C ARG B 132 11.21 11.12 -7.09
N GLN B 133 12.33 10.73 -7.69
CA GLN B 133 12.90 11.51 -8.79
C GLN B 133 11.96 11.41 -10.01
N ALA B 134 11.39 10.25 -10.25
CA ALA B 134 10.44 10.13 -11.35
C ALA B 134 9.23 11.05 -11.16
N ARG B 135 8.79 11.23 -9.92
CA ARG B 135 7.67 12.12 -9.65
C ARG B 135 8.05 13.57 -9.96
N ARG B 136 9.27 13.98 -9.63
CA ARG B 136 9.77 15.30 -10.01
CA ARG B 136 9.73 15.32 -10.01
C ARG B 136 9.76 15.47 -11.53
N GLU B 137 10.13 14.42 -12.26
CA GLU B 137 10.11 14.47 -13.72
C GLU B 137 8.68 14.55 -14.27
N VAL B 138 7.75 13.80 -13.71
CA VAL B 138 6.33 13.92 -14.08
C VAL B 138 5.89 15.39 -13.99
N ASP B 139 6.27 16.03 -12.90
CA ASP B 139 5.85 17.42 -12.68
C ASP B 139 6.54 18.39 -13.63
N SER B 140 7.82 18.16 -13.89
CA SER B 140 8.61 19.05 -14.75
C SER B 140 8.20 18.91 -16.22
N ILE B 141 7.93 17.68 -16.65
CA ILE B 141 7.55 17.41 -18.04
C ILE B 141 6.09 17.77 -18.30
N GLY B 142 5.27 17.70 -17.25
CA GLY B 142 3.83 17.99 -17.33
C GLY B 142 2.96 16.81 -17.70
N LEU B 143 3.28 15.65 -17.14
CA LEU B 143 2.70 14.41 -17.65
C LEU B 143 1.30 14.08 -17.11
N GLU B 144 0.85 14.80 -16.09
CA GLU B 144 -0.50 14.53 -15.57
C GLU B 144 -1.49 15.67 -15.85
N GLU B 145 -1.15 16.51 -16.83
CA GLU B 145 -1.99 17.63 -17.26
C GLU B 145 -3.45 17.21 -17.50
C1 EDO C . 6.44 -6.34 16.46
O1 EDO C . 5.40 -6.77 15.57
C2 EDO C . 6.56 -7.35 17.61
O2 EDO C . 7.20 -8.53 17.12
C1 EDO D . 2.05 -5.58 16.01
O1 EDO D . 2.45 -5.49 14.64
C2 EDO D . 2.47 -6.94 16.53
O2 EDO D . 3.50 -6.76 17.51
NA NA E . 8.44 -11.29 6.65
C1 EDO F . 10.46 -14.06 -2.69
O1 EDO F . 9.89 -15.37 -2.59
C2 EDO F . 11.35 -13.96 -3.91
O2 EDO F . 10.87 -12.90 -4.75
C1 EDO G . 5.88 7.82 -7.35
O1 EDO G . 4.46 7.72 -7.48
C2 EDO G . 6.27 8.70 -6.15
O2 EDO G . 5.36 9.81 -6.09
N1 8S1 H . -2.35 12.55 -19.35
N1 8S1 H . -0.63 9.70 -20.22
N3 8S1 H . -3.44 10.01 -17.14
N3 8S1 H . -4.00 8.75 -19.66
C4 8S1 H . -1.85 10.12 -19.70
C4 8S1 H . -2.28 11.13 -18.98
C5 8S1 H . -0.52 10.17 -19.98
C5 8S1 H . -2.00 12.36 -19.56
C6 8S1 H . 0.09 9.10 -20.63
C6 8S1 H . -2.39 13.52 -18.92
C7 8S1 H . -0.65 8.01 -21.02
C7 8S1 H . -3.05 13.50 -17.72
C8 8S1 H . -2.00 7.96 -20.75
C8 8S1 H . -3.32 12.29 -17.14
C10 8S1 H . -3.15 11.14 -17.84
C10 8S1 H . -2.66 8.89 -19.99
C1 8S1 H . -4.28 12.81 -16.36
C1 8S1 H . -2.34 6.74 -21.21
C2 8S1 H . -3.51 12.44 -17.49
C2 8S1 H . -1.90 7.97 -20.67
C3 8S1 H . -3.02 13.27 -18.45
C3 8S1 H . -0.64 8.51 -20.80
N2 8S1 H . -2.44 11.22 -19.00
N2 8S1 H . -1.88 9.96 -19.69
C9 8S1 H . -2.60 9.01 -20.06
C9 8S1 H . -2.96 11.10 -17.78
CL1 8S1 H . -4.29 8.92 -19.75
CL1 8S1 H . -3.34 9.62 -16.97
N4 8S1 H . -4.90 13.11 -15.44
N4 8S1 H . -2.67 5.67 -21.49
#